data_3HLP
#
_entry.id   3HLP
#
_cell.length_a   64.790
_cell.length_b   59.933
_cell.length_c   72.457
_cell.angle_alpha   90.000
_cell.angle_beta   99.470
_cell.angle_gamma   90.000
#
_symmetry.space_group_name_H-M   'P 1 21 1'
#
loop_
_entity.id
_entity.type
_entity.pdbx_description
1 polymer 'Carboxypeptidase A1 (Pancreatic)'
2 non-polymer 'ZINC ION'
3 non-polymer (4R)-2-METHYLPENTANE-2,4-DIOL
4 non-polymer (4S)-2-METHYL-2,4-PENTANEDIOL
5 water water
#
_entity_poly.entity_id   1
_entity_poly.type   'polypeptide(L)'
_entity_poly.pdbx_seq_one_letter_code
;ARSTNTFNYATYHTLDEIYDFMDLLVAEHPQLVSKLQIGRSYEGRPIYVLKFSTGGSNRPAIWIDLGIHSREWITQATGV
WFAKKFTEDYGQDPSFTAILDSMDIFLEIVTNPDGFAFTHSQNRLWRKTRSVTSSSLCVGVDANRNWDAGFGKAGASSSP
CSETYHGKYANSEVEVKSIVDFVKDHGNFKAFLSIHSYSQLLLYPYGYTTQSIPDKTELNQVAKSAVAALKSLYGTSYKY
GSIITTIYQASGGSIDWSYNQGIKYSFTFELRDTGRYGFLLPASQIIPTAQETWLGVLTIMEHTVNNLY
;
_entity_poly.pdbx_strand_id   A,B
#
loop_
_chem_comp.id
_chem_comp.type
_chem_comp.name
_chem_comp.formula
MPD non-polymer (4S)-2-METHYL-2,4-PENTANEDIOL 'C6 H14 O2'
MRD non-polymer (4R)-2-METHYLPENTANE-2,4-DIOL 'C6 H14 O2'
ZN non-polymer 'ZINC ION' 'Zn 2'
#
# COMPACT_ATOMS: atom_id res chain seq x y z
N SER A 3 15.63 12.22 11.32
CA SER A 3 14.93 12.76 12.53
C SER A 3 13.44 12.53 12.42
N THR A 4 12.72 12.69 13.53
CA THR A 4 11.27 12.54 13.48
C THR A 4 10.59 13.66 12.69
N ASN A 5 11.33 14.75 12.43
CA ASN A 5 10.83 15.80 11.55
C ASN A 5 10.78 15.39 10.08
N THR A 6 11.64 14.45 9.70
CA THR A 6 11.71 13.99 8.31
C THR A 6 11.07 12.62 8.09
N PHE A 7 10.71 11.96 9.18
CA PHE A 7 9.92 10.73 9.12
C PHE A 7 8.65 10.97 8.30
N ASN A 8 8.31 10.00 7.45
CA ASN A 8 7.16 10.14 6.59
C ASN A 8 5.90 9.58 7.28
N TYR A 9 5.09 10.49 7.80
CA TYR A 9 3.86 10.10 8.52
C TYR A 9 2.72 9.69 7.61
N ALA A 10 2.88 9.94 6.31
CA ALA A 10 1.82 9.68 5.33
C ALA A 10 2.03 8.36 4.60
N THR A 11 2.85 7.49 5.16
CA THR A 11 3.08 6.18 4.59
C THR A 11 3.11 5.14 5.72
N TYR A 12 2.90 3.89 5.34
CA TYR A 12 2.98 2.79 6.27
C TYR A 12 4.42 2.31 6.43
N HIS A 13 4.75 1.92 7.65
CA HIS A 13 6.11 1.54 8.02
C HIS A 13 6.21 0.12 8.56
N THR A 14 7.43 -0.36 8.56
CA THR A 14 7.76 -1.69 9.06
C THR A 14 7.97 -1.66 10.57
N LEU A 15 8.06 -2.83 11.18
CA LEU A 15 8.36 -2.93 12.59
C LEU A 15 9.66 -2.19 12.92
N ASP A 16 10.71 -2.47 12.17
CA ASP A 16 12.01 -1.89 12.48
C ASP A 16 11.95 -0.37 12.37
N GLU A 17 11.23 0.12 11.35
CA GLU A 17 11.11 1.56 11.17
C GLU A 17 10.41 2.20 12.37
N ILE A 18 9.37 1.55 12.86
CA ILE A 18 8.61 2.11 13.99
C ILE A 18 9.47 2.06 15.26
N TYR A 19 10.18 0.95 15.45
CA TYR A 19 11.05 0.81 16.63
C TYR A 19 12.18 1.86 16.58
N ASP A 20 12.70 2.12 15.38
CA ASP A 20 13.76 3.14 15.26
C ASP A 20 13.21 4.55 15.46
N PHE A 21 11.99 4.78 14.99
CA PHE A 21 11.28 6.03 15.25
C PHE A 21 11.17 6.29 16.76
N MET A 22 10.83 5.26 17.54
CA MET A 22 10.73 5.42 18.99
C MET A 22 12.02 5.94 19.58
N ASP A 23 13.13 5.35 19.16
CA ASP A 23 14.42 5.78 19.69
C ASP A 23 14.77 7.20 19.25
N LEU A 24 14.47 7.55 18.01
CA LEU A 24 14.72 8.93 17.55
C LEU A 24 13.94 9.92 18.38
N LEU A 25 12.66 9.62 18.63
CA LEU A 25 11.80 10.55 19.34
C LEU A 25 12.27 10.74 20.78
N VAL A 26 12.67 9.65 21.43
CA VAL A 26 13.19 9.68 22.81
C VAL A 26 14.48 10.52 22.85
N ALA A 27 15.36 10.31 21.87
CA ALA A 27 16.62 11.05 21.84
C ALA A 27 16.39 12.55 21.64
N GLU A 28 15.37 12.89 20.86
CA GLU A 28 15.02 14.29 20.55
C GLU A 28 14.31 14.97 21.71
N HIS A 29 13.59 14.18 22.50
CA HIS A 29 12.76 14.73 23.56
C HIS A 29 13.00 13.96 24.86
N PRO A 30 14.25 13.93 25.34
CA PRO A 30 14.59 13.04 26.46
C PRO A 30 13.94 13.42 27.81
N GLN A 31 13.47 14.65 27.91
CA GLN A 31 12.83 15.12 29.14
C GLN A 31 11.33 14.82 29.14
N LEU A 32 10.81 14.36 28.00
CA LEU A 32 9.36 14.17 27.85
C LEU A 32 8.97 12.72 27.59
N VAL A 33 9.82 12.02 26.85
CA VAL A 33 9.49 10.68 26.35
C VAL A 33 10.57 9.70 26.75
N SER A 34 10.15 8.51 27.19
CA SER A 34 11.08 7.40 27.43
C SER A 34 10.48 6.12 26.86
N LYS A 35 11.34 5.13 26.63
CA LYS A 35 10.91 3.88 26.02
C LYS A 35 11.04 2.77 27.06
N LEU A 36 9.92 2.10 27.33
CA LEU A 36 9.87 1.04 28.32
C LEU A 36 9.66 -0.28 27.61
N GLN A 37 10.39 -1.30 28.04
CA GLN A 37 10.12 -2.63 27.50
C GLN A 37 9.24 -3.33 28.53
N ILE A 38 8.02 -3.66 28.11
CA ILE A 38 7.06 -4.30 29.02
C ILE A 38 6.97 -5.82 28.90
N GLY A 39 7.70 -6.39 27.95
CA GLY A 39 7.69 -7.83 27.78
C GLY A 39 8.43 -8.21 26.53
N ARG A 40 8.38 -9.51 26.23
CA ARG A 40 8.83 -10.03 24.96
C ARG A 40 7.69 -10.77 24.32
N SER A 41 7.58 -10.64 23.00
CA SER A 41 6.51 -11.32 22.28
C SER A 41 6.74 -12.84 22.28
N TYR A 42 5.77 -13.59 21.75
CA TYR A 42 5.91 -15.04 21.67
C TYR A 42 7.22 -15.40 20.95
N GLU A 43 7.50 -14.68 19.86
CA GLU A 43 8.69 -14.96 19.06
C GLU A 43 9.92 -14.21 19.56
N GLY A 44 9.81 -13.63 20.76
CA GLY A 44 10.96 -13.03 21.46
C GLY A 44 11.29 -11.59 21.10
N ARG A 45 10.42 -10.92 20.34
CA ARG A 45 10.66 -9.51 20.03
C ARG A 45 10.34 -8.64 21.24
N PRO A 46 11.12 -7.56 21.47
CA PRO A 46 10.77 -6.70 22.59
C PRO A 46 9.41 -6.04 22.34
N ILE A 47 8.66 -5.88 23.42
CA ILE A 47 7.39 -5.15 23.38
C ILE A 47 7.61 -3.81 24.07
N TYR A 48 7.37 -2.73 23.34
CA TYR A 48 7.73 -1.39 23.83
C TYR A 48 6.53 -0.49 24.07
N VAL A 49 6.61 0.32 25.12
CA VAL A 49 5.62 1.37 25.36
C VAL A 49 6.40 2.67 25.47
N LEU A 50 5.89 3.74 24.86
CA LEU A 50 6.42 5.08 25.10
C LEU A 50 5.71 5.71 26.27
N LYS A 51 6.47 6.21 27.23
CA LYS A 51 5.92 6.92 28.37
C LYS A 51 6.15 8.40 28.13
N PHE A 52 5.06 9.17 28.11
CA PHE A 52 5.13 10.62 27.99
C PHE A 52 4.83 11.16 29.38
N SER A 53 5.76 11.94 29.92
CA SER A 53 5.63 12.42 31.29
C SER A 53 6.45 13.68 31.50
N THR A 54 5.95 14.55 32.35
CA THR A 54 6.71 15.76 32.71
C THR A 54 7.23 15.65 34.14
N GLY A 55 7.05 14.49 34.75
CA GLY A 55 7.64 14.22 36.06
C GLY A 55 6.70 13.47 36.97
N GLY A 56 6.89 13.65 38.27
CA GLY A 56 6.07 12.99 39.27
C GLY A 56 6.40 11.52 39.46
N SER A 57 5.67 10.88 40.36
CA SER A 57 5.87 9.48 40.67
C SER A 57 4.56 8.73 40.42
N ASN A 58 4.53 7.92 39.37
CA ASN A 58 3.29 7.28 38.92
C ASN A 58 2.07 8.19 39.03
N ARG A 59 2.16 9.31 38.32
CA ARG A 59 1.05 10.20 38.12
C ARG A 59 -0.13 9.44 37.51
N PRO A 60 -1.37 9.94 37.72
CA PRO A 60 -2.54 9.34 37.06
C PRO A 60 -2.22 9.21 35.58
N ALA A 61 -2.61 8.10 34.97
CA ALA A 61 -2.15 7.78 33.62
C ALA A 61 -3.25 7.41 32.65
N ILE A 62 -2.94 7.65 31.38
CA ILE A 62 -3.79 7.19 30.28
C ILE A 62 -3.01 6.11 29.54
N TRP A 63 -3.64 4.94 29.38
CA TRP A 63 -3.11 3.85 28.57
C TRP A 63 -3.71 3.94 27.17
N ILE A 64 -2.87 3.75 26.15
CA ILE A 64 -3.36 3.66 24.77
C ILE A 64 -2.66 2.48 24.09
N ASP A 65 -3.42 1.46 23.69
CA ASP A 65 -2.83 0.36 22.89
C ASP A 65 -3.27 0.48 21.46
N LEU A 66 -2.34 0.28 20.54
CA LEU A 66 -2.64 0.26 19.11
C LEU A 66 -2.07 -1.03 18.48
N GLY A 67 -2.68 -1.49 17.38
CA GLY A 67 -2.13 -2.62 16.66
C GLY A 67 -2.24 -3.97 17.35
N ILE A 68 -3.14 -4.13 18.31
CA ILE A 68 -3.28 -5.48 18.89
C ILE A 68 -3.70 -6.49 17.81
N HIS A 69 -4.51 -6.03 16.84
CA HIS A 69 -4.84 -6.84 15.66
C HIS A 69 -3.90 -6.35 14.56
N SER A 70 -2.97 -7.22 14.16
CA SER A 70 -1.81 -6.73 13.41
C SER A 70 -2.14 -6.09 12.08
N ARG A 71 -3.14 -6.61 11.38
CA ARG A 71 -3.46 -6.09 10.03
C ARG A 71 -4.16 -4.73 10.04
N GLU A 72 -4.46 -4.21 11.24
CA GLU A 72 -5.15 -2.94 11.35
C GLU A 72 -4.14 -1.82 11.28
N TRP A 73 -3.44 -1.76 10.13
CA TRP A 73 -2.30 -0.85 9.92
C TRP A 73 -2.57 0.62 10.21
N ILE A 74 -3.81 1.05 10.04
CA ILE A 74 -4.12 2.45 10.31
C ILE A 74 -3.84 2.77 11.79
N THR A 75 -3.90 1.75 12.64
CA THR A 75 -3.69 1.99 14.06
C THR A 75 -2.21 2.24 14.40
N GLN A 76 -1.30 1.39 13.93
CA GLN A 76 0.11 1.64 14.21
C GLN A 76 0.53 2.99 13.60
N ALA A 77 0.05 3.27 12.39
CA ALA A 77 0.37 4.53 11.74
C ALA A 77 -0.17 5.73 12.53
N THR A 78 -1.37 5.58 13.08
CA THR A 78 -1.93 6.59 13.95
C THR A 78 -1.12 6.77 15.24
N GLY A 79 -0.64 5.64 15.79
CA GLY A 79 0.21 5.66 16.99
C GLY A 79 1.48 6.46 16.79
N VAL A 80 2.12 6.26 15.64
CA VAL A 80 3.35 6.99 15.34
C VAL A 80 3.06 8.50 15.29
N TRP A 81 1.97 8.86 14.59
CA TRP A 81 1.57 10.26 14.49
C TRP A 81 1.26 10.86 15.87
N PHE A 82 0.50 10.13 16.69
CA PHE A 82 0.20 10.54 18.07
C PHE A 82 1.50 10.84 18.83
N ALA A 83 2.46 9.94 18.76
CA ALA A 83 3.71 10.09 19.50
C ALA A 83 4.37 11.40 19.13
N LYS A 84 4.51 11.66 17.83
CA LYS A 84 5.09 12.91 17.35
C LYS A 84 4.26 14.11 17.79
N LYS A 85 2.94 14.01 17.61
CA LYS A 85 2.03 15.09 17.99
C LYS A 85 2.16 15.47 19.48
N PHE A 86 2.28 14.47 20.35
CA PHE A 86 2.45 14.75 21.78
C PHE A 86 3.67 15.65 22.01
N THR A 87 4.76 15.36 21.32
CA THR A 87 5.99 16.12 21.52
C THR A 87 5.91 17.52 20.92
N GLU A 88 5.08 17.69 19.89
CA GLU A 88 4.87 19.01 19.28
C GLU A 88 3.97 19.88 20.13
N ASP A 89 2.90 19.28 20.64
CA ASP A 89 1.85 20.05 21.28
C ASP A 89 2.10 20.38 22.75
N TYR A 90 2.95 19.61 23.43
CA TYR A 90 3.29 19.95 24.80
C TYR A 90 4.04 21.27 24.80
N GLY A 91 3.45 22.27 25.46
CA GLY A 91 4.03 23.61 25.49
C GLY A 91 3.48 24.53 24.42
N GLN A 92 2.60 24.00 23.57
CA GLN A 92 1.95 24.77 22.49
C GLN A 92 0.43 24.79 22.61
N ASP A 93 -0.17 23.61 22.73
CA ASP A 93 -1.62 23.51 22.94
C ASP A 93 -1.93 23.58 24.44
N PRO A 94 -2.71 24.60 24.88
CA PRO A 94 -3.06 24.75 26.30
C PRO A 94 -3.66 23.49 26.94
N SER A 95 -4.66 22.89 26.29
CA SER A 95 -5.32 21.71 26.85
C SER A 95 -4.38 20.53 27.01
N PHE A 96 -3.65 20.18 25.95
CA PHE A 96 -2.75 19.04 26.04
C PHE A 96 -1.62 19.28 27.04
N THR A 97 -1.12 20.52 27.09
CA THR A 97 -0.11 20.89 28.06
C THR A 97 -0.64 20.67 29.49
N ALA A 98 -1.89 21.07 29.73
CA ALA A 98 -2.53 20.85 31.03
C ALA A 98 -2.61 19.35 31.38
N ILE A 99 -2.92 18.52 30.39
CA ILE A 99 -2.99 17.08 30.63
C ILE A 99 -1.63 16.53 31.03
N LEU A 100 -0.59 16.82 30.24
CA LEU A 100 0.73 16.25 30.51
C LEU A 100 1.42 16.86 31.75
N ASP A 101 0.97 18.02 32.18
CA ASP A 101 1.49 18.62 33.39
C ASP A 101 0.98 17.92 34.64
N SER A 102 -0.05 17.08 34.48
CA SER A 102 -0.66 16.42 35.63
C SER A 102 -0.79 14.90 35.46
N MET A 103 -0.66 14.43 34.23
CA MET A 103 -0.89 13.02 33.91
C MET A 103 0.19 12.50 32.99
N ASP A 104 0.39 11.18 33.02
CA ASP A 104 1.31 10.53 32.11
C ASP A 104 0.52 9.81 31.05
N ILE A 105 1.11 9.64 29.87
CA ILE A 105 0.49 8.86 28.81
C ILE A 105 1.41 7.69 28.46
N PHE A 106 0.84 6.48 28.37
CA PHE A 106 1.61 5.30 27.96
C PHE A 106 1.03 4.83 26.65
N LEU A 107 1.86 4.88 25.61
CA LEU A 107 1.44 4.66 24.24
C LEU A 107 2.11 3.40 23.69
N GLU A 108 1.33 2.37 23.37
CA GLU A 108 1.92 1.13 22.85
C GLU A 108 1.56 1.02 21.38
N ILE A 109 2.49 1.43 20.52
CA ILE A 109 2.18 1.60 19.10
C ILE A 109 2.00 0.24 18.40
N VAL A 110 2.85 -0.72 18.77
CA VAL A 110 2.80 -2.06 18.18
C VAL A 110 2.55 -3.13 19.24
N THR A 111 1.28 -3.30 19.57
CA THR A 111 0.91 -4.20 20.66
C THR A 111 1.13 -5.68 20.34
N ASN A 112 1.15 -5.99 19.04
CA ASN A 112 1.32 -7.36 18.54
C ASN A 112 2.46 -7.36 17.51
N PRO A 113 3.72 -7.28 17.98
CA PRO A 113 4.84 -7.15 17.03
C PRO A 113 5.04 -8.36 16.12
N ASP A 114 4.76 -9.56 16.62
CA ASP A 114 4.94 -10.76 15.79
C ASP A 114 3.94 -10.75 14.63
N GLY A 115 2.69 -10.43 14.94
CA GLY A 115 1.69 -10.31 13.87
C GLY A 115 2.06 -9.19 12.91
N PHE A 116 2.55 -8.07 13.44
CA PHE A 116 2.88 -6.94 12.58
C PHE A 116 4.01 -7.34 11.64
N ALA A 117 5.05 -7.99 12.16
CA ALA A 117 6.13 -8.45 11.30
C ALA A 117 5.58 -9.39 10.24
N PHE A 118 4.65 -10.25 10.64
CA PHE A 118 4.06 -11.22 9.69
C PHE A 118 3.28 -10.50 8.60
N THR A 119 2.63 -9.38 8.92
CA THR A 119 1.85 -8.65 7.91
C THR A 119 2.75 -8.03 6.85
N HIS A 120 4.02 -7.84 7.19
CA HIS A 120 4.99 -7.28 6.26
C HIS A 120 5.73 -8.34 5.46
N SER A 121 5.97 -9.48 6.10
CA SER A 121 6.82 -10.52 5.52
C SER A 121 6.09 -11.68 4.83
N GLN A 122 4.87 -11.99 5.28
CA GLN A 122 4.19 -13.20 4.83
C GLN A 122 2.73 -13.03 4.41
N ASN A 123 1.97 -12.26 5.18
CA ASN A 123 0.52 -12.19 4.98
C ASN A 123 -0.03 -10.89 5.52
N ARG A 124 -0.33 -9.96 4.61
CA ARG A 124 -0.80 -8.63 4.96
C ARG A 124 -2.05 -8.66 5.84
N LEU A 125 -2.82 -9.73 5.73
CA LEU A 125 -4.07 -9.82 6.46
C LEU A 125 -3.97 -10.57 7.78
N TRP A 126 -2.74 -10.86 8.22
CA TRP A 126 -2.60 -11.55 9.50
C TRP A 126 -3.12 -10.66 10.64
N ARG A 127 -3.92 -11.25 11.53
CA ARG A 127 -4.61 -10.53 12.62
C ARG A 127 -4.10 -10.93 14.00
N LYS A 128 -3.86 -12.23 14.17
CA LYS A 128 -3.65 -12.82 15.48
C LYS A 128 -2.21 -12.68 15.96
N THR A 129 -1.94 -13.22 17.15
CA THR A 129 -0.56 -13.40 17.59
C THR A 129 0.06 -14.49 16.74
N ARG A 130 1.28 -14.89 17.08
CA ARG A 130 1.95 -15.97 16.36
C ARG A 130 2.26 -17.18 17.27
N SER A 131 1.55 -17.30 18.39
CA SER A 131 1.79 -18.44 19.28
C SER A 131 1.40 -19.75 18.62
N VAL A 132 2.11 -20.82 18.94
CA VAL A 132 1.76 -22.07 18.28
C VAL A 132 0.99 -23.00 19.18
N THR A 133 -0.23 -23.33 18.73
CA THR A 133 -1.16 -24.17 19.46
C THR A 133 -0.69 -25.62 19.30
N SER A 134 -0.26 -26.20 20.42
CA SER A 134 0.47 -27.48 20.45
C SER A 134 -0.28 -28.64 19.77
N SER A 135 -1.58 -28.66 19.98
CA SER A 135 -2.42 -29.73 19.47
C SER A 135 -3.07 -29.29 18.15
N SER A 136 -2.33 -28.52 17.35
CA SER A 136 -2.92 -27.82 16.19
C SER A 136 -1.94 -27.45 15.07
N LEU A 137 -2.45 -27.42 13.84
CA LEU A 137 -1.69 -26.91 12.69
C LEU A 137 -1.88 -25.40 12.61
N CYS A 138 -2.74 -24.87 13.47
CA CYS A 138 -3.04 -23.45 13.40
C CYS A 138 -2.21 -22.60 14.33
N VAL A 139 -2.02 -21.36 13.91
CA VAL A 139 -1.16 -20.43 14.64
C VAL A 139 -1.95 -19.22 15.11
N GLY A 140 -1.72 -18.82 16.36
CA GLY A 140 -2.12 -17.50 16.81
C GLY A 140 -3.50 -17.42 17.46
N VAL A 141 -3.62 -16.40 18.31
CA VAL A 141 -4.82 -16.13 19.07
C VAL A 141 -5.24 -14.71 18.77
N ASP A 142 -6.55 -14.48 18.80
CA ASP A 142 -7.09 -13.12 18.67
C ASP A 142 -6.78 -12.45 19.99
N ALA A 143 -5.76 -11.59 20.02
CA ALA A 143 -5.32 -11.03 21.30
C ALA A 143 -6.34 -10.08 21.94
N ASN A 144 -7.36 -9.65 21.19
CA ASN A 144 -8.43 -8.87 21.84
C ASN A 144 -9.64 -9.72 22.20
N ARG A 145 -9.42 -11.02 22.32
CA ARG A 145 -10.43 -11.93 22.90
C ARG A 145 -9.80 -12.81 23.98
N ASN A 146 -8.55 -12.47 24.35
CA ASN A 146 -7.76 -13.28 25.28
C ASN A 146 -7.75 -12.73 26.71
N TRP A 147 -8.40 -11.59 26.92
CA TRP A 147 -8.37 -10.93 28.23
C TRP A 147 -9.34 -11.59 29.22
N ASP A 148 -9.05 -11.41 30.51
CA ASP A 148 -9.82 -12.04 31.56
C ASP A 148 -11.07 -11.22 31.86
N ALA A 149 -11.96 -11.15 30.88
CA ALA A 149 -13.24 -10.47 31.02
C ALA A 149 -14.23 -11.23 30.16
N GLY A 150 -15.02 -12.07 30.81
CA GLY A 150 -15.92 -12.96 30.08
C GLY A 150 -15.12 -13.91 29.19
N PHE A 151 -13.90 -14.23 29.61
CA PHE A 151 -13.04 -15.06 28.75
C PHE A 151 -13.75 -16.34 28.36
N GLY A 152 -13.71 -16.68 27.07
CA GLY A 152 -14.25 -17.95 26.59
C GLY A 152 -15.76 -17.98 26.45
N LYS A 153 -16.43 -16.89 26.83
CA LYS A 153 -17.88 -16.82 26.68
C LYS A 153 -18.27 -16.47 25.24
N ALA A 154 -19.57 -16.50 24.96
CA ALA A 154 -20.10 -16.14 23.64
C ALA A 154 -19.50 -14.84 23.15
N GLY A 155 -19.19 -14.78 21.85
CA GLY A 155 -18.53 -13.61 21.25
C GLY A 155 -17.05 -13.84 21.04
N ALA A 156 -16.64 -15.11 21.10
CA ALA A 156 -15.30 -15.55 20.70
C ALA A 156 -15.36 -17.01 20.27
N SER A 157 -14.31 -17.47 19.61
CA SER A 157 -14.29 -18.84 19.08
C SER A 157 -13.33 -19.74 19.83
N SER A 158 -13.73 -20.99 20.04
CA SER A 158 -12.83 -21.99 20.59
C SER A 158 -12.06 -22.73 19.50
N SER A 159 -12.33 -22.44 18.22
CA SER A 159 -11.64 -23.08 17.11
C SER A 159 -10.27 -22.42 16.90
N PRO A 160 -9.18 -23.17 17.12
CA PRO A 160 -7.83 -22.56 17.04
C PRO A 160 -7.47 -21.85 15.73
N CYS A 161 -8.04 -22.29 14.60
CA CYS A 161 -7.77 -21.64 13.31
C CYS A 161 -8.58 -20.37 13.07
N SER A 162 -9.55 -20.11 13.95
CA SER A 162 -10.46 -18.99 13.78
C SER A 162 -9.75 -17.65 13.89
N GLU A 163 -10.23 -16.69 13.11
CA GLU A 163 -9.82 -15.29 13.27
C GLU A 163 -10.12 -14.76 14.66
N THR A 164 -11.10 -15.37 15.33
CA THR A 164 -11.59 -14.89 16.61
C THR A 164 -11.32 -15.88 17.74
N TYR A 165 -10.30 -16.71 17.55
CA TYR A 165 -9.92 -17.71 18.56
C TYR A 165 -9.47 -17.04 19.85
N HIS A 166 -10.07 -17.42 20.98
CA HIS A 166 -9.74 -16.78 22.25
C HIS A 166 -8.44 -17.29 22.92
N GLY A 167 -7.89 -18.40 22.43
CA GLY A 167 -6.72 -19.00 23.08
C GLY A 167 -7.11 -20.00 24.15
N LYS A 168 -6.13 -20.65 24.77
CA LYS A 168 -6.43 -21.75 25.68
C LYS A 168 -6.95 -21.32 27.04
N TYR A 169 -6.51 -20.15 27.51
CA TYR A 169 -6.94 -19.61 28.79
C TYR A 169 -6.70 -18.09 28.77
N ALA A 170 -7.38 -17.37 29.65
CA ALA A 170 -7.21 -15.91 29.72
C ALA A 170 -5.77 -15.53 29.98
N ASN A 171 -5.30 -14.50 29.30
CA ASN A 171 -3.91 -14.04 29.41
C ASN A 171 -2.85 -15.05 28.95
N SER A 172 -3.25 -16.04 28.15
CA SER A 172 -2.28 -16.99 27.60
C SER A 172 -1.25 -16.29 26.71
N GLU A 173 -1.70 -15.23 26.05
CA GLU A 173 -0.82 -14.50 25.14
C GLU A 173 0.00 -13.47 25.89
N VAL A 174 1.33 -13.58 25.76
CA VAL A 174 2.25 -12.68 26.48
C VAL A 174 2.03 -11.21 26.06
N GLU A 175 1.55 -10.99 24.85
CA GLU A 175 1.25 -9.64 24.39
C GLU A 175 0.14 -8.98 25.23
N VAL A 176 -0.79 -9.81 25.69
CA VAL A 176 -1.89 -9.35 26.52
C VAL A 176 -1.44 -9.28 27.97
N LYS A 177 -0.85 -10.37 28.44
CA LYS A 177 -0.40 -10.44 29.84
C LYS A 177 0.61 -9.31 30.19
N SER A 178 1.47 -8.96 29.22
CA SER A 178 2.41 -7.84 29.42
C SER A 178 1.70 -6.55 29.79
N ILE A 179 0.57 -6.29 29.13
CA ILE A 179 -0.20 -5.07 29.40
C ILE A 179 -0.89 -5.19 30.76
N VAL A 180 -1.53 -6.33 30.98
CA VAL A 180 -2.21 -6.61 32.25
C VAL A 180 -1.26 -6.36 33.43
N ASP A 181 -0.08 -6.97 33.36
CA ASP A 181 0.90 -6.84 34.45
C ASP A 181 1.34 -5.40 34.64
N PHE A 182 1.62 -4.71 33.52
CA PHE A 182 2.10 -3.34 33.60
C PHE A 182 1.06 -2.42 34.23
N VAL A 183 -0.17 -2.57 33.78
CA VAL A 183 -1.28 -1.74 34.25
C VAL A 183 -1.58 -2.02 35.72
N LYS A 184 -1.57 -3.30 36.09
CA LYS A 184 -1.76 -3.66 37.50
C LYS A 184 -0.62 -3.20 38.40
N ASP A 185 0.62 -3.43 37.96
CA ASP A 185 1.79 -2.99 38.74
C ASP A 185 1.74 -1.48 38.94
N HIS A 186 1.37 -0.75 37.88
CA HIS A 186 1.35 0.73 37.91
C HIS A 186 0.36 1.23 38.96
N GLY A 187 -0.88 0.75 38.86
CA GLY A 187 -1.92 0.97 39.86
C GLY A 187 -2.63 2.30 39.83
N ASN A 188 -2.22 3.19 38.91
CA ASN A 188 -2.82 4.52 38.84
C ASN A 188 -3.29 4.90 37.44
N PHE A 189 -3.67 3.91 36.64
CA PHE A 189 -4.32 4.21 35.36
C PHE A 189 -5.73 4.70 35.54
N LYS A 190 -6.08 5.79 34.86
CA LYS A 190 -7.42 6.39 34.96
C LYS A 190 -8.22 6.27 33.66
N ALA A 191 -7.48 6.13 32.55
CA ALA A 191 -8.10 5.92 31.24
C ALA A 191 -7.39 4.78 30.52
N PHE A 192 -8.12 4.07 29.67
CA PHE A 192 -7.54 2.92 28.96
C PHE A 192 -8.22 2.88 27.61
N LEU A 193 -7.46 3.22 26.57
CA LEU A 193 -8.01 3.38 25.22
C LEU A 193 -7.39 2.37 24.30
N SER A 194 -8.23 1.56 23.65
CA SER A 194 -7.75 0.54 22.72
C SER A 194 -8.10 0.96 21.31
N ILE A 195 -7.10 0.99 20.43
CA ILE A 195 -7.29 1.53 19.09
C ILE A 195 -7.23 0.41 18.05
N HIS A 196 -8.31 0.35 17.26
CA HIS A 196 -8.57 -0.71 16.32
C HIS A 196 -9.02 -0.11 14.99
N SER A 197 -9.14 -0.96 13.99
CA SER A 197 -9.98 -0.64 12.83
C SER A 197 -10.67 -1.92 12.37
N TYR A 198 -11.74 -1.83 11.58
CA TYR A 198 -12.36 -0.61 11.09
C TYR A 198 -13.84 -0.68 11.49
N SER A 199 -14.51 0.47 11.37
CA SER A 199 -15.98 0.59 11.43
C SER A 199 -16.45 2.01 11.78
N GLN A 200 -15.54 2.86 12.28
CA GLN A 200 -15.90 4.21 12.73
C GLN A 200 -16.88 4.15 13.91
N LEU A 201 -16.37 3.61 15.01
CA LEU A 201 -17.13 3.43 16.23
C LEU A 201 -16.27 3.90 17.41
N LEU A 202 -16.94 4.48 18.39
CA LEU A 202 -16.31 4.74 19.68
C LEU A 202 -17.14 3.99 20.71
N LEU A 203 -16.51 3.04 21.36
CA LEU A 203 -17.25 2.06 22.15
C LEU A 203 -16.82 2.07 23.60
N TYR A 204 -17.78 1.91 24.50
CA TYR A 204 -17.45 1.70 25.91
C TYR A 204 -17.94 0.30 26.32
N PRO A 205 -17.58 -0.17 27.52
CA PRO A 205 -17.97 -1.52 27.90
C PRO A 205 -19.50 -1.70 28.08
N TYR A 206 -20.00 -2.93 27.97
CA TYR A 206 -19.19 -4.13 27.75
C TYR A 206 -19.43 -4.71 26.38
N GLY A 207 -18.49 -5.58 25.97
CA GLY A 207 -18.71 -6.47 24.86
C GLY A 207 -19.24 -7.84 25.24
N TYR A 208 -18.82 -8.37 26.40
CA TYR A 208 -19.15 -9.76 26.73
C TYR A 208 -20.53 -9.93 27.35
N THR A 209 -21.07 -8.83 27.88
CA THR A 209 -22.35 -8.90 28.61
C THR A 209 -23.23 -7.72 28.27
N THR A 210 -24.55 -7.95 28.25
CA THR A 210 -25.54 -6.90 28.08
C THR A 210 -25.72 -6.06 29.35
N GLN A 211 -25.08 -6.48 30.45
CA GLN A 211 -25.11 -5.68 31.68
C GLN A 211 -24.63 -4.24 31.44
N SER A 212 -25.45 -3.27 31.84
CA SER A 212 -25.07 -1.85 31.72
C SER A 212 -24.02 -1.47 32.76
N ILE A 213 -22.95 -0.82 32.30
CA ILE A 213 -21.94 -0.38 33.26
C ILE A 213 -22.51 0.70 34.21
N PRO A 214 -22.05 0.71 35.48
CA PRO A 214 -22.59 1.73 36.39
C PRO A 214 -22.29 3.16 35.93
N ASP A 215 -21.26 3.34 35.10
CA ASP A 215 -20.89 4.68 34.62
C ASP A 215 -21.41 4.94 33.22
N LYS A 216 -22.49 4.27 32.83
CA LYS A 216 -22.96 4.33 31.44
C LYS A 216 -23.34 5.76 31.03
N THR A 217 -24.12 6.45 31.86
CA THR A 217 -24.52 7.82 31.52
C THR A 217 -23.30 8.70 31.19
N GLU A 218 -22.31 8.67 32.09
CA GLU A 218 -21.08 9.45 31.92
C GLU A 218 -20.29 9.05 30.69
N LEU A 219 -19.99 7.76 30.55
CA LEU A 219 -19.18 7.34 29.41
C LEU A 219 -19.91 7.57 28.09
N ASN A 220 -21.23 7.43 28.10
CA ASN A 220 -22.00 7.67 26.89
C ASN A 220 -21.86 9.13 26.44
N GLN A 221 -21.93 10.06 27.39
CA GLN A 221 -21.79 11.49 27.04
C GLN A 221 -20.36 11.82 26.64
N VAL A 222 -19.37 11.22 27.32
CA VAL A 222 -17.97 11.42 26.93
C VAL A 222 -17.79 10.98 25.50
N ALA A 223 -18.34 9.81 25.18
CA ALA A 223 -18.23 9.28 23.84
C ALA A 223 -18.94 10.19 22.83
N LYS A 224 -20.10 10.71 23.19
CA LYS A 224 -20.81 11.65 22.32
C LYS A 224 -19.94 12.87 22.03
N SER A 225 -19.33 13.43 23.07
CA SER A 225 -18.48 14.60 22.92
C SER A 225 -17.26 14.31 22.05
N ALA A 226 -16.65 13.14 22.29
CA ALA A 226 -15.45 12.74 21.57
C ALA A 226 -15.73 12.53 20.08
N VAL A 227 -16.86 11.90 19.76
CA VAL A 227 -17.28 11.69 18.36
C VAL A 227 -17.60 13.03 17.67
N ALA A 228 -18.21 13.96 18.40
CA ALA A 228 -18.46 15.29 17.84
C ALA A 228 -17.13 15.99 17.50
N ALA A 229 -16.17 15.93 18.43
CA ALA A 229 -14.84 16.53 18.22
C ALA A 229 -14.15 15.90 17.01
N LEU A 230 -14.16 14.57 16.94
CA LEU A 230 -13.60 13.84 15.82
C LEU A 230 -14.25 14.28 14.51
N LYS A 231 -15.58 14.32 14.48
CA LYS A 231 -16.32 14.67 13.27
C LYS A 231 -16.03 16.12 12.81
N SER A 232 -15.68 17.00 13.75
CA SER A 232 -15.55 18.44 13.45
C SER A 232 -14.48 18.76 12.41
N LEU A 233 -13.52 17.84 12.24
CA LEU A 233 -12.40 18.10 11.37
C LEU A 233 -12.70 17.80 9.90
N TYR A 234 -13.17 16.59 9.60
CA TYR A 234 -13.39 16.17 8.22
C TYR A 234 -14.81 15.67 7.97
N GLY A 235 -15.65 15.69 9.00
CA GLY A 235 -17.02 15.20 8.88
C GLY A 235 -17.14 13.69 8.97
N THR A 236 -16.09 13.03 9.44
CA THR A 236 -16.13 11.57 9.61
C THR A 236 -17.15 11.22 10.69
N SER A 237 -18.11 10.41 10.29
CA SER A 237 -19.22 10.01 11.16
C SER A 237 -18.94 8.70 11.90
N TYR A 238 -18.98 8.80 13.24
CA TYR A 238 -18.83 7.67 14.13
C TYR A 238 -20.13 7.38 14.85
N LYS A 239 -20.38 6.10 15.08
CA LYS A 239 -21.44 5.68 16.00
C LYS A 239 -20.78 5.44 17.34
N TYR A 240 -21.56 5.52 18.42
CA TYR A 240 -21.02 5.27 19.75
C TYR A 240 -22.06 4.59 20.64
N GLY A 241 -21.57 3.88 21.65
CA GLY A 241 -22.42 3.12 22.55
C GLY A 241 -21.60 1.97 23.11
N SER A 242 -22.24 1.04 23.80
CA SER A 242 -21.50 -0.09 24.37
C SER A 242 -21.09 -1.02 23.22
N ILE A 243 -20.02 -1.80 23.40
CA ILE A 243 -19.63 -2.72 22.33
C ILE A 243 -20.80 -3.63 21.90
N ILE A 244 -21.44 -4.27 22.86
CA ILE A 244 -22.44 -5.30 22.57
C ILE A 244 -23.67 -4.72 21.87
N THR A 245 -24.06 -3.50 22.23
CA THR A 245 -25.25 -2.90 21.59
C THR A 245 -24.94 -2.27 20.24
N THR A 246 -23.68 -1.92 20.01
CA THR A 246 -23.34 -1.07 18.87
C THR A 246 -22.75 -1.86 17.70
N ILE A 247 -22.07 -2.97 18.02
CA ILE A 247 -21.46 -3.79 16.98
C ILE A 247 -21.79 -5.29 17.11
N TYR A 248 -21.35 -5.92 18.20
CA TYR A 248 -21.67 -7.33 18.46
C TYR A 248 -21.22 -7.70 19.83
N GLN A 249 -21.75 -8.81 20.34
CA GLN A 249 -21.20 -9.45 21.53
C GLN A 249 -19.78 -9.91 21.21
N ALA A 250 -18.85 -9.56 22.10
CA ALA A 250 -17.45 -9.94 21.93
C ALA A 250 -16.88 -10.14 23.31
N SER A 251 -16.24 -11.29 23.54
CA SER A 251 -15.75 -11.64 24.87
C SER A 251 -14.23 -11.57 24.95
N GLY A 252 -13.70 -11.56 26.18
CA GLY A 252 -12.26 -11.48 26.40
C GLY A 252 -11.59 -10.21 25.88
N GLY A 253 -12.31 -9.08 25.91
CA GLY A 253 -11.79 -7.82 25.37
C GLY A 253 -11.12 -6.86 26.36
N SER A 254 -10.23 -6.03 25.81
CA SER A 254 -9.32 -5.19 26.61
C SER A 254 -10.04 -4.21 27.51
N ILE A 255 -11.01 -3.47 26.96
CA ILE A 255 -11.67 -2.43 27.78
C ILE A 255 -12.68 -3.01 28.75
N ASP A 256 -13.17 -4.22 28.47
CA ASP A 256 -14.02 -4.91 29.44
C ASP A 256 -13.15 -5.28 30.64
N TRP A 257 -11.94 -5.78 30.36
CA TRP A 257 -10.98 -6.08 31.43
C TRP A 257 -10.57 -4.80 32.20
N SER A 258 -10.18 -3.75 31.48
CA SER A 258 -9.67 -2.54 32.14
C SER A 258 -10.76 -1.90 33.02
N TYR A 259 -11.99 -1.85 32.49
CA TYR A 259 -13.10 -1.26 33.25
C TYR A 259 -13.36 -2.07 34.52
N ASN A 260 -13.27 -3.40 34.40
CA ASN A 260 -13.47 -4.28 35.57
C ASN A 260 -12.36 -4.16 36.61
N GLN A 261 -11.22 -3.60 36.20
CA GLN A 261 -10.14 -3.29 37.14
C GLN A 261 -10.39 -1.97 37.85
N GLY A 262 -11.41 -1.24 37.43
CA GLY A 262 -11.75 0.05 38.02
C GLY A 262 -11.22 1.23 37.20
N ILE A 263 -10.77 0.97 35.98
CA ILE A 263 -10.32 2.06 35.12
C ILE A 263 -11.54 2.58 34.38
N LYS A 264 -12.04 3.72 34.84
CA LYS A 264 -13.37 4.17 34.43
C LYS A 264 -13.47 4.56 32.97
N TYR A 265 -12.48 5.34 32.50
CA TYR A 265 -12.55 5.89 31.15
C TYR A 265 -11.93 4.90 30.17
N SER A 266 -12.66 3.81 29.96
CA SER A 266 -12.21 2.70 29.12
C SER A 266 -13.01 2.71 27.83
N PHE A 267 -12.32 2.93 26.71
CA PHE A 267 -12.96 3.05 25.40
C PHE A 267 -12.17 2.35 24.30
N THR A 268 -12.91 1.81 23.33
CA THR A 268 -12.29 1.25 22.13
C THR A 268 -12.71 2.09 20.93
N PHE A 269 -11.72 2.52 20.16
CA PHE A 269 -11.95 3.20 18.89
C PHE A 269 -11.81 2.18 17.78
N GLU A 270 -12.79 2.14 16.87
CA GLU A 270 -12.65 1.44 15.61
C GLU A 270 -12.55 2.52 14.54
N LEU A 271 -11.35 2.68 13.98
CA LEU A 271 -11.08 3.79 13.09
C LEU A 271 -11.67 3.55 11.68
N ARG A 272 -11.32 4.44 10.75
CA ARG A 272 -11.80 4.33 9.36
C ARG A 272 -11.43 3.00 8.74
N ASP A 273 -12.18 2.53 7.75
CA ASP A 273 -13.41 3.19 7.26
C ASP A 273 -14.63 2.38 7.69
N THR A 274 -15.67 2.32 6.86
CA THR A 274 -16.84 1.50 7.22
C THR A 274 -16.92 0.23 6.38
N GLY A 275 -15.89 -0.04 5.59
CA GLY A 275 -15.85 -1.25 4.82
C GLY A 275 -15.40 -1.13 3.39
N ARG A 276 -15.35 0.10 2.85
CA ARG A 276 -14.95 0.27 1.45
C ARG A 276 -13.55 -0.33 1.25
N TYR A 277 -12.60 0.09 2.08
CA TYR A 277 -11.25 -0.48 2.06
C TYR A 277 -10.98 -1.41 3.24
N GLY A 278 -11.75 -1.24 4.31
CA GLY A 278 -11.62 -2.14 5.46
C GLY A 278 -10.24 -2.00 6.09
N PHE A 279 -9.55 -3.12 6.25
CA PHE A 279 -8.20 -3.12 6.83
C PHE A 279 -7.14 -2.56 5.91
N LEU A 280 -7.43 -2.55 4.60
CA LEU A 280 -6.49 -2.04 3.61
C LEU A 280 -6.71 -0.54 3.35
N LEU A 281 -6.70 0.24 4.42
CA LEU A 281 -6.97 1.66 4.28
C LEU A 281 -5.80 2.32 3.54
N PRO A 282 -6.08 3.10 2.49
CA PRO A 282 -4.97 3.73 1.75
C PRO A 282 -4.12 4.64 2.62
N ALA A 283 -2.82 4.68 2.33
CA ALA A 283 -1.87 5.54 3.06
C ALA A 283 -2.29 7.02 3.04
N SER A 284 -2.96 7.44 1.98
CA SER A 284 -3.41 8.82 1.86
C SER A 284 -4.44 9.22 2.95
N GLN A 285 -4.97 8.23 3.67
CA GLN A 285 -5.91 8.52 4.74
C GLN A 285 -5.27 8.49 6.13
N ILE A 286 -3.98 8.15 6.20
CA ILE A 286 -3.28 8.07 7.49
C ILE A 286 -3.32 9.37 8.27
N ILE A 287 -2.83 10.45 7.67
CA ILE A 287 -2.77 11.71 8.40
C ILE A 287 -4.15 12.24 8.77
N PRO A 288 -5.11 12.30 7.81
CA PRO A 288 -6.45 12.76 8.19
C PRO A 288 -7.09 11.89 9.27
N THR A 289 -6.89 10.57 9.20
CA THR A 289 -7.41 9.69 10.25
C THR A 289 -6.78 10.00 11.60
N ALA A 290 -5.45 10.14 11.62
CA ALA A 290 -4.75 10.41 12.87
C ALA A 290 -5.19 11.74 13.48
N GLN A 291 -5.31 12.77 12.63
CA GLN A 291 -5.71 14.09 13.10
C GLN A 291 -7.09 14.07 13.77
N GLU A 292 -8.07 13.48 13.11
CA GLU A 292 -9.44 13.50 13.66
C GLU A 292 -9.51 12.62 14.91
N THR A 293 -8.80 11.49 14.87
CA THR A 293 -8.81 10.57 16.00
C THR A 293 -8.19 11.23 17.22
N TRP A 294 -7.11 12.00 17.01
CA TRP A 294 -6.52 12.77 18.10
C TRP A 294 -7.54 13.68 18.77
N LEU A 295 -8.39 14.35 17.97
CA LEU A 295 -9.39 15.23 18.58
C LEU A 295 -10.32 14.43 19.51
N GLY A 296 -10.71 13.24 19.08
CA GLY A 296 -11.54 12.37 19.92
C GLY A 296 -10.82 11.92 21.19
N VAL A 297 -9.57 11.49 21.02
CA VAL A 297 -8.76 11.00 22.13
C VAL A 297 -8.48 12.12 23.14
N LEU A 298 -8.12 13.29 22.64
CA LEU A 298 -7.86 14.44 23.50
C LEU A 298 -9.11 14.81 24.32
N THR A 299 -10.29 14.72 23.67
CA THR A 299 -11.54 14.99 24.36
C THR A 299 -11.74 14.04 25.55
N ILE A 300 -11.48 12.75 25.34
CA ILE A 300 -11.52 11.81 26.46
C ILE A 300 -10.53 12.16 27.55
N MET A 301 -9.29 12.45 27.18
CA MET A 301 -8.27 12.85 28.14
C MET A 301 -8.69 14.07 28.96
N GLU A 302 -9.33 15.04 28.30
CA GLU A 302 -9.82 16.23 28.98
C GLU A 302 -10.82 15.88 30.06
N HIS A 303 -11.68 14.90 29.76
CA HIS A 303 -12.68 14.46 30.72
C HIS A 303 -12.02 13.73 31.89
N THR A 304 -10.94 13.00 31.60
CA THR A 304 -10.19 12.29 32.64
C THR A 304 -9.47 13.29 33.57
N VAL A 305 -9.07 14.44 32.97
CA VAL A 305 -8.56 15.69 33.62
C VAL A 305 -7.06 15.78 33.89
N SER B 3 25.42 11.74 -29.11
CA SER B 3 24.53 12.59 -28.24
C SER B 3 23.06 12.25 -28.46
N THR B 4 22.25 12.34 -27.40
CA THR B 4 20.81 12.13 -27.57
C THR B 4 20.18 13.26 -28.37
N ASN B 5 20.91 14.35 -28.53
CA ASN B 5 20.44 15.44 -29.38
C ASN B 5 20.64 15.18 -30.88
N THR B 6 21.41 14.14 -31.21
CA THR B 6 21.58 13.72 -32.61
C THR B 6 20.82 12.43 -32.96
N PHE B 7 20.24 11.82 -31.94
CA PHE B 7 19.40 10.63 -32.14
C PHE B 7 18.18 10.98 -33.01
N ASN B 8 17.82 10.10 -33.95
CA ASN B 8 16.67 10.39 -34.80
C ASN B 8 15.40 9.83 -34.17
N TYR B 9 14.60 10.69 -33.54
CA TYR B 9 13.38 10.20 -32.85
C TYR B 9 12.25 9.86 -33.81
N ALA B 10 12.41 10.23 -35.07
CA ALA B 10 11.37 10.07 -36.08
C ALA B 10 11.56 8.81 -36.92
N THR B 11 12.46 7.94 -36.49
CA THR B 11 12.66 6.68 -37.19
C THR B 11 12.73 5.55 -36.18
N TYR B 12 12.59 4.33 -36.67
CA TYR B 12 12.68 3.15 -35.82
C TYR B 12 14.11 2.68 -35.70
N HIS B 13 14.41 2.12 -34.54
CA HIS B 13 15.76 1.73 -34.20
C HIS B 13 15.90 0.29 -33.78
N THR B 14 17.16 -0.19 -33.83
CA THR B 14 17.50 -1.53 -33.43
C THR B 14 17.72 -1.61 -31.92
N LEU B 15 17.86 -2.83 -31.40
CA LEU B 15 18.12 -3.03 -29.99
C LEU B 15 19.39 -2.30 -29.57
N ASP B 16 20.47 -2.47 -30.34
CA ASP B 16 21.75 -1.85 -30.00
C ASP B 16 21.66 -0.33 -29.97
N GLU B 17 20.92 0.21 -30.92
CA GLU B 17 20.74 1.67 -31.01
C GLU B 17 20.00 2.19 -29.78
N ILE B 18 18.99 1.45 -29.33
CA ILE B 18 18.23 1.87 -28.14
C ILE B 18 19.07 1.71 -26.87
N TYR B 19 19.81 0.61 -26.79
CA TYR B 19 20.67 0.36 -25.65
C TYR B 19 21.76 1.45 -25.56
N ASP B 20 22.30 1.84 -26.72
CA ASP B 20 23.30 2.90 -26.76
C ASP B 20 22.72 4.25 -26.37
N PHE B 21 21.50 4.51 -26.82
CA PHE B 21 20.77 5.73 -26.44
C PHE B 21 20.67 5.87 -24.91
N MET B 22 20.36 4.77 -24.21
CA MET B 22 20.22 4.79 -22.75
C MET B 22 21.50 5.28 -22.11
N ASP B 23 22.63 4.76 -22.60
CA ASP B 23 23.92 5.18 -22.08
C ASP B 23 24.24 6.63 -22.38
N LEU B 24 23.89 7.10 -23.57
CA LEU B 24 24.08 8.52 -23.88
C LEU B 24 23.25 9.39 -22.94
N LEU B 25 21.99 9.01 -22.72
CA LEU B 25 21.12 9.79 -21.85
C LEU B 25 21.63 9.89 -20.41
N VAL B 26 22.09 8.76 -19.88
CA VAL B 26 22.64 8.69 -18.53
C VAL B 26 23.89 9.57 -18.41
N ALA B 27 24.75 9.52 -19.42
CA ALA B 27 25.97 10.34 -19.42
C ALA B 27 25.66 11.84 -19.47
N GLU B 28 24.61 12.19 -20.21
CA GLU B 28 24.23 13.61 -20.36
C GLU B 28 23.45 14.15 -19.17
N HIS B 29 22.81 13.25 -18.44
CA HIS B 29 21.96 13.65 -17.32
C HIS B 29 22.18 12.77 -16.10
N PRO B 30 23.42 12.72 -15.58
CA PRO B 30 23.77 11.75 -14.55
C PRO B 30 23.10 12.00 -13.20
N GLN B 31 22.65 13.23 -12.95
CA GLN B 31 21.97 13.55 -11.68
C GLN B 31 20.51 13.13 -11.68
N LEU B 32 19.98 12.78 -12.87
CA LEU B 32 18.55 12.53 -13.04
C LEU B 32 18.23 11.10 -13.46
N VAL B 33 19.12 10.52 -14.26
CA VAL B 33 18.84 9.26 -14.94
C VAL B 33 19.93 8.25 -14.63
N SER B 34 19.51 7.06 -14.23
CA SER B 34 20.43 5.93 -14.11
C SER B 34 19.86 4.71 -14.83
N LYS B 35 20.74 3.75 -15.12
CA LYS B 35 20.36 2.54 -15.85
C LYS B 35 20.54 1.33 -14.95
N LEU B 36 19.44 0.59 -14.75
CA LEU B 36 19.43 -0.56 -13.88
C LEU B 36 19.26 -1.82 -14.72
N GLN B 37 20.00 -2.86 -14.40
CA GLN B 37 19.77 -4.13 -15.06
C GLN B 37 18.90 -4.97 -14.14
N ILE B 38 17.69 -5.28 -14.58
CA ILE B 38 16.75 -6.01 -13.74
C ILE B 38 16.72 -7.52 -14.02
N GLY B 39 17.49 -7.96 -15.01
CA GLY B 39 17.60 -9.37 -15.29
C GLY B 39 18.29 -9.62 -16.62
N ARG B 40 18.26 -10.86 -17.06
CA ARG B 40 18.71 -11.20 -18.40
C ARG B 40 17.59 -11.94 -19.08
N SER B 41 17.41 -11.67 -20.37
CA SER B 41 16.37 -12.33 -21.16
C SER B 41 16.62 -13.83 -21.31
N TYR B 42 15.68 -14.54 -21.90
CA TYR B 42 15.87 -15.97 -22.12
C TYR B 42 17.21 -16.23 -22.83
N GLU B 43 17.50 -15.42 -23.85
CA GLU B 43 18.72 -15.60 -24.64
C GLU B 43 19.91 -14.83 -24.06
N GLY B 44 19.79 -14.40 -22.81
CA GLY B 44 20.94 -13.83 -22.09
C GLY B 44 21.19 -12.36 -22.28
N ARG B 45 20.32 -11.68 -23.02
CA ARG B 45 20.50 -10.22 -23.21
C ARG B 45 20.14 -9.46 -21.94
N PRO B 46 20.90 -8.38 -21.63
CA PRO B 46 20.55 -7.61 -20.44
C PRO B 46 19.16 -6.98 -20.59
N ILE B 47 18.40 -6.96 -19.50
CA ILE B 47 17.11 -6.28 -19.45
C ILE B 47 17.31 -4.98 -18.67
N TYR B 48 17.06 -3.84 -19.32
CA TYR B 48 17.38 -2.53 -18.74
C TYR B 48 16.15 -1.68 -18.40
N VAL B 49 16.22 -1.04 -17.24
CA VAL B 49 15.23 -0.05 -16.83
C VAL B 49 15.97 1.26 -16.56
N LEU B 50 15.40 2.37 -17.04
CA LEU B 50 15.94 3.69 -16.74
C LEU B 50 15.18 4.23 -15.56
N LYS B 51 15.92 4.66 -14.54
CA LYS B 51 15.33 5.27 -13.37
C LYS B 51 15.50 6.77 -13.49
N PHE B 52 14.39 7.49 -13.35
CA PHE B 52 14.38 8.96 -13.34
C PHE B 52 14.02 9.38 -11.92
N SER B 53 14.89 10.19 -11.30
CA SER B 53 14.74 10.50 -9.88
C SER B 53 15.46 11.79 -9.55
N THR B 54 14.87 12.57 -8.65
CA THR B 54 15.54 13.76 -8.12
C THR B 54 16.07 13.51 -6.71
N GLY B 55 16.03 12.24 -6.27
CA GLY B 55 16.55 11.85 -4.97
C GLY B 55 15.48 11.22 -4.10
N GLY B 56 15.50 11.56 -2.80
CA GLY B 56 14.56 11.00 -1.83
C GLY B 56 14.90 9.59 -1.42
N SER B 57 14.12 9.05 -0.49
CA SER B 57 14.33 7.70 0.01
C SER B 57 13.22 6.80 -0.50
N ASN B 58 13.58 5.89 -1.41
CA ASN B 58 12.63 4.97 -2.06
C ASN B 58 11.28 5.63 -2.31
N ARG B 59 11.30 6.70 -3.11
CA ARG B 59 10.11 7.50 -3.33
C ARG B 59 8.98 6.69 -3.97
N PRO B 60 7.72 7.13 -3.79
CA PRO B 60 6.62 6.50 -4.52
C PRO B 60 6.95 6.54 -6.01
N ALA B 61 6.63 5.48 -6.73
CA ALA B 61 7.16 5.35 -8.08
C ALA B 61 6.09 5.04 -9.13
N ILE B 62 6.41 5.39 -10.37
CA ILE B 62 5.61 5.04 -11.54
C ILE B 62 6.41 4.06 -12.38
N TRP B 63 5.82 2.90 -12.68
CA TRP B 63 6.40 1.91 -13.59
C TRP B 63 5.81 2.11 -14.97
N ILE B 64 6.67 2.05 -16.00
CA ILE B 64 6.20 2.08 -17.37
C ILE B 64 6.95 1.01 -18.17
N ASP B 65 6.23 0.01 -18.68
CA ASP B 65 6.85 -0.97 -19.58
C ASP B 65 6.36 -0.76 -20.98
N LEU B 66 7.29 -0.89 -21.92
CA LEU B 66 6.98 -0.76 -23.34
C LEU B 66 7.58 -1.97 -24.07
N GLY B 67 7.01 -2.33 -25.21
CA GLY B 67 7.60 -3.37 -26.02
C GLY B 67 7.52 -4.77 -25.47
N ILE B 68 6.58 -5.06 -24.57
CA ILE B 68 6.48 -6.44 -24.09
C ILE B 68 6.08 -7.37 -25.24
N HIS B 69 5.28 -6.85 -26.16
CA HIS B 69 5.00 -7.54 -27.43
C HIS B 69 5.93 -6.93 -28.47
N SER B 70 6.90 -7.71 -28.93
CA SER B 70 8.03 -7.12 -29.64
C SER B 70 7.67 -6.37 -30.93
N ARG B 71 6.69 -6.89 -31.67
CA ARG B 71 6.33 -6.28 -32.96
C ARG B 71 5.63 -4.92 -32.84
N GLU B 72 5.32 -4.50 -31.62
CA GLU B 72 4.59 -3.25 -31.40
C GLU B 72 5.60 -2.12 -31.33
N TRP B 73 6.29 -1.92 -32.46
CA TRP B 73 7.43 -1.00 -32.56
C TRP B 73 7.14 0.43 -32.15
N ILE B 74 5.90 0.87 -32.32
CA ILE B 74 5.57 2.23 -31.93
C ILE B 74 5.82 2.40 -30.43
N THR B 75 5.72 1.32 -29.67
CA THR B 75 5.95 1.43 -28.22
C THR B 75 7.42 1.66 -27.82
N GLN B 76 8.34 0.89 -28.35
CA GLN B 76 9.76 1.15 -28.06
C GLN B 76 10.17 2.54 -28.54
N ALA B 77 9.71 2.92 -29.73
CA ALA B 77 9.98 4.27 -30.26
C ALA B 77 9.42 5.38 -29.35
N THR B 78 8.21 5.16 -28.84
CA THR B 78 7.61 6.09 -27.88
C THR B 78 8.39 6.11 -26.57
N GLY B 79 8.90 4.95 -26.15
CA GLY B 79 9.69 4.85 -24.93
C GLY B 79 10.97 5.67 -25.00
N VAL B 80 11.63 5.61 -26.14
CA VAL B 80 12.86 6.40 -26.34
C VAL B 80 12.51 7.90 -26.25
N TRP B 81 11.44 8.28 -26.94
CA TRP B 81 10.97 9.67 -26.94
C TRP B 81 10.63 10.13 -25.51
N PHE B 82 9.90 9.30 -24.78
CA PHE B 82 9.60 9.57 -23.37
C PHE B 82 10.87 9.85 -22.56
N ALA B 83 11.86 8.97 -22.68
CA ALA B 83 13.10 9.10 -21.90
C ALA B 83 13.74 10.46 -22.15
N LYS B 84 13.84 10.82 -23.43
CA LYS B 84 14.41 12.12 -23.81
C LYS B 84 13.55 13.26 -23.26
N LYS B 85 12.23 13.16 -23.46
CA LYS B 85 11.29 14.18 -23.00
C LYS B 85 11.41 14.44 -21.49
N PHE B 86 11.58 13.38 -20.71
CA PHE B 86 11.71 13.51 -19.26
C PHE B 86 12.88 14.44 -18.93
N THR B 87 14.00 14.23 -19.62
CA THR B 87 15.20 15.01 -19.37
C THR B 87 15.09 16.44 -19.88
N GLU B 88 14.28 16.66 -20.91
CA GLU B 88 14.05 18.02 -21.42
C GLU B 88 13.09 18.82 -20.56
N ASP B 89 12.04 18.15 -20.09
CA ASP B 89 10.98 18.84 -19.37
C ASP B 89 11.19 18.97 -17.86
N TYR B 90 12.00 18.10 -17.28
CA TYR B 90 12.28 18.28 -15.88
C TYR B 90 12.98 19.62 -15.64
N GLY B 91 12.38 20.43 -14.76
CA GLY B 91 12.89 21.76 -14.45
C GLY B 91 12.37 22.85 -15.35
N GLN B 92 11.55 22.48 -16.35
CA GLN B 92 11.00 23.41 -17.32
C GLN B 92 9.46 23.42 -17.29
N ASP B 93 8.86 22.25 -17.36
CA ASP B 93 7.40 22.13 -17.27
C ASP B 93 7.01 22.04 -15.80
N PRO B 94 6.18 22.97 -15.31
CA PRO B 94 5.71 22.95 -13.91
C PRO B 94 5.11 21.60 -13.48
N SER B 95 4.23 21.05 -14.31
CA SER B 95 3.55 19.80 -13.99
C SER B 95 4.49 18.60 -13.84
N PHE B 96 5.31 18.36 -14.85
CA PHE B 96 6.25 17.23 -14.83
C PHE B 96 7.34 17.41 -13.77
N THR B 97 7.77 18.66 -13.57
CA THR B 97 8.72 18.97 -12.51
C THR B 97 8.18 18.58 -11.13
N ALA B 98 6.91 18.89 -10.88
CA ALA B 98 6.27 18.50 -9.61
C ALA B 98 6.22 16.98 -9.42
N ILE B 99 5.95 16.26 -10.51
CA ILE B 99 5.91 14.81 -10.45
C ILE B 99 7.26 14.24 -10.02
N LEU B 100 8.33 14.60 -10.74
CA LEU B 100 9.66 14.07 -10.40
C LEU B 100 10.25 14.59 -9.11
N ASP B 101 9.73 15.71 -8.60
CA ASP B 101 10.13 16.20 -7.28
C ASP B 101 9.57 15.36 -6.12
N SER B 102 8.53 14.58 -6.40
CA SER B 102 7.87 13.74 -5.39
C SER B 102 7.94 12.25 -5.68
N MET B 103 8.18 11.90 -6.94
CA MET B 103 8.09 10.52 -7.38
C MET B 103 9.23 10.15 -8.29
N ASP B 104 9.54 8.86 -8.33
CA ASP B 104 10.48 8.33 -9.30
C ASP B 104 9.72 7.69 -10.45
N ILE B 105 10.36 7.66 -11.61
CA ILE B 105 9.80 6.94 -12.76
C ILE B 105 10.77 5.86 -13.22
N PHE B 106 10.26 4.66 -13.43
CA PHE B 106 11.07 3.55 -13.93
C PHE B 106 10.51 3.17 -15.29
N LEU B 107 11.36 3.30 -16.30
CA LEU B 107 10.93 3.17 -17.69
C LEU B 107 11.68 2.01 -18.34
N GLU B 108 10.92 1.01 -18.78
CA GLU B 108 11.50 -0.15 -19.44
C GLU B 108 11.14 -0.08 -20.91
N ILE B 109 12.09 0.41 -21.71
CA ILE B 109 11.82 0.70 -23.12
C ILE B 109 11.66 -0.58 -23.94
N VAL B 110 12.49 -1.59 -23.64
CA VAL B 110 12.45 -2.84 -24.39
C VAL B 110 12.24 -4.03 -23.45
N THR B 111 10.99 -4.30 -23.13
CA THR B 111 10.66 -5.30 -22.13
C THR B 111 10.92 -6.73 -22.60
N ASN B 112 10.94 -6.92 -23.92
CA ASN B 112 11.13 -8.23 -24.55
C ASN B 112 12.25 -8.07 -25.60
N PRO B 113 13.52 -7.98 -25.13
CA PRO B 113 14.63 -7.75 -26.07
C PRO B 113 14.87 -8.88 -27.07
N ASP B 114 14.62 -10.13 -26.67
CA ASP B 114 14.85 -11.23 -27.62
C ASP B 114 13.86 -11.14 -28.77
N GLY B 115 12.57 -10.92 -28.45
CA GLY B 115 11.58 -10.73 -29.50
C GLY B 115 11.92 -9.52 -30.36
N PHE B 116 12.37 -8.44 -29.73
CA PHE B 116 12.68 -7.21 -30.48
C PHE B 116 13.82 -7.47 -31.48
N ALA B 117 14.88 -8.13 -31.00
CA ALA B 117 15.97 -8.49 -31.90
C ALA B 117 15.42 -9.31 -33.06
N PHE B 118 14.56 -10.27 -32.75
CA PHE B 118 13.96 -11.17 -33.76
C PHE B 118 13.14 -10.39 -34.78
N THR B 119 12.45 -9.33 -34.35
CA THR B 119 11.65 -8.50 -35.28
C THR B 119 12.52 -7.73 -36.27
N HIS B 120 13.79 -7.53 -35.92
CA HIS B 120 14.69 -6.81 -36.84
C HIS B 120 15.40 -7.74 -37.80
N SER B 121 15.71 -8.94 -37.34
CA SER B 121 16.57 -9.83 -38.13
C SER B 121 15.86 -10.99 -38.80
N GLN B 122 14.70 -11.40 -38.28
CA GLN B 122 14.05 -12.65 -38.71
C GLN B 122 12.57 -12.53 -39.10
N ASN B 123 11.78 -11.82 -38.31
CA ASN B 123 10.34 -11.81 -38.49
C ASN B 123 9.73 -10.59 -37.83
N ARG B 124 9.41 -9.59 -38.65
CA ARG B 124 8.94 -8.28 -38.20
C ARG B 124 7.71 -8.37 -37.30
N LEU B 125 6.91 -9.43 -37.48
CA LEU B 125 5.66 -9.56 -36.76
C LEU B 125 5.77 -10.46 -35.51
N TRP B 126 6.98 -10.81 -35.13
CA TRP B 126 7.16 -11.64 -33.95
C TRP B 126 6.69 -10.86 -32.71
N ARG B 127 5.90 -11.52 -31.86
CA ARG B 127 5.27 -10.89 -30.70
C ARG B 127 5.76 -11.47 -29.37
N LYS B 128 6.00 -12.77 -29.36
CA LYS B 128 6.25 -13.51 -28.12
C LYS B 128 7.68 -13.39 -27.63
N THR B 129 7.98 -14.01 -26.49
CA THR B 129 9.38 -14.15 -26.05
C THR B 129 10.05 -15.17 -27.00
N ARG B 130 11.29 -15.57 -26.68
CA ARG B 130 11.96 -16.59 -27.50
C ARG B 130 12.33 -17.84 -26.71
N SER B 131 11.62 -18.09 -25.62
CA SER B 131 11.87 -19.27 -24.78
C SER B 131 11.51 -20.52 -25.57
N VAL B 132 12.25 -21.59 -25.33
CA VAL B 132 11.99 -22.85 -26.03
C VAL B 132 11.94 -24.00 -25.02
N THR B 133 11.30 -25.09 -25.42
CA THR B 133 11.29 -26.34 -24.67
C THR B 133 11.54 -27.53 -25.61
N SER B 134 11.82 -28.69 -25.01
CA SER B 134 11.96 -29.92 -25.77
C SER B 134 10.57 -30.56 -26.03
N SER B 135 9.53 -29.95 -25.48
CA SER B 135 8.15 -30.47 -25.60
C SER B 135 7.37 -29.91 -26.81
N SER B 136 7.99 -29.02 -27.57
CA SER B 136 7.30 -28.34 -28.68
C SER B 136 8.26 -27.91 -29.79
N LEU B 137 7.75 -27.90 -31.03
CA LEU B 137 8.46 -27.30 -32.15
C LEU B 137 8.32 -25.77 -32.15
N CYS B 138 7.39 -25.25 -31.35
CA CYS B 138 7.11 -23.82 -31.36
C CYS B 138 7.92 -23.06 -30.31
N VAL B 139 8.05 -21.76 -30.54
CA VAL B 139 8.89 -20.91 -29.69
C VAL B 139 8.07 -19.79 -29.05
N GLY B 140 8.35 -19.56 -27.78
CA GLY B 140 7.93 -18.30 -27.14
C GLY B 140 6.55 -18.28 -26.51
N VAL B 141 6.40 -17.30 -25.63
CA VAL B 141 5.20 -17.12 -24.83
C VAL B 141 4.74 -15.68 -25.00
N ASP B 142 3.43 -15.48 -24.96
CA ASP B 142 2.87 -14.14 -24.94
C ASP B 142 3.13 -13.59 -23.54
N ALA B 143 4.14 -12.72 -23.42
CA ALA B 143 4.58 -12.30 -22.10
C ALA B 143 3.52 -11.46 -21.39
N ASN B 144 2.54 -10.94 -22.13
CA ASN B 144 1.44 -10.27 -21.43
C ASN B 144 0.25 -11.19 -21.17
N ARG B 145 0.49 -12.50 -21.18
CA ARG B 145 -0.49 -13.48 -20.70
C ARG B 145 0.17 -14.45 -19.70
N ASN B 146 1.38 -14.10 -19.26
CA ASN B 146 2.18 -14.95 -18.39
C ASN B 146 2.19 -14.50 -16.93
N TRP B 147 1.52 -13.39 -16.61
CA TRP B 147 1.51 -12.84 -15.24
C TRP B 147 0.57 -13.63 -14.33
N ASP B 148 0.87 -13.59 -13.04
CA ASP B 148 0.08 -14.31 -12.05
C ASP B 148 -1.19 -13.52 -11.70
N ALA B 149 -2.08 -13.40 -12.68
CA ALA B 149 -3.36 -12.73 -12.50
C ALA B 149 -4.36 -13.41 -13.41
N GLY B 150 -5.11 -14.35 -12.85
CA GLY B 150 -5.99 -15.19 -13.63
C GLY B 150 -5.17 -16.04 -14.60
N PHE B 151 -3.93 -16.34 -14.22
CA PHE B 151 -3.07 -17.11 -15.13
C PHE B 151 -3.74 -18.40 -15.57
N GLY B 152 -3.70 -18.67 -16.88
CA GLY B 152 -4.23 -19.90 -17.44
C GLY B 152 -5.74 -19.96 -17.63
N LYS B 153 -6.43 -18.93 -17.17
CA LYS B 153 -7.90 -18.86 -17.32
C LYS B 153 -8.27 -18.40 -18.74
N ALA B 154 -9.56 -18.46 -19.07
CA ALA B 154 -10.03 -18.01 -20.38
C ALA B 154 -9.47 -16.61 -20.69
N GLY B 155 -9.10 -16.41 -21.95
CA GLY B 155 -8.47 -15.17 -22.37
C GLY B 155 -6.99 -15.37 -22.65
N ALA B 156 -6.56 -16.63 -22.67
CA ALA B 156 -5.20 -17.01 -23.09
C ALA B 156 -5.22 -18.44 -23.62
N SER B 157 -4.19 -18.82 -24.38
CA SER B 157 -4.09 -20.17 -24.97
C SER B 157 -3.11 -21.10 -24.24
N SER B 158 -3.47 -22.38 -24.12
CA SER B 158 -2.65 -23.41 -23.46
C SER B 158 -1.69 -24.08 -24.43
N SER B 159 -1.85 -23.78 -25.71
CA SER B 159 -1.01 -24.38 -26.75
C SER B 159 0.22 -23.56 -27.05
N PRO B 160 1.41 -24.18 -26.89
CA PRO B 160 2.70 -23.53 -27.14
C PRO B 160 2.81 -22.80 -28.48
N CYS B 161 2.08 -23.26 -29.49
CA CYS B 161 2.19 -22.68 -30.82
C CYS B 161 1.42 -21.37 -31.03
N SER B 162 0.52 -21.06 -30.10
CA SER B 162 -0.37 -19.90 -30.23
C SER B 162 0.35 -18.56 -30.08
N GLU B 163 -0.15 -17.53 -30.78
CA GLU B 163 0.28 -16.14 -30.57
C GLU B 163 -0.02 -15.70 -29.14
N THR B 164 -1.00 -16.36 -28.52
CA THR B 164 -1.50 -15.96 -27.21
C THR B 164 -1.21 -17.03 -26.14
N TYR B 165 -0.19 -17.87 -26.40
CA TYR B 165 0.23 -18.88 -25.43
C TYR B 165 0.66 -18.24 -24.11
N HIS B 166 0.04 -18.69 -23.00
CA HIS B 166 0.34 -18.14 -21.68
C HIS B 166 1.64 -18.64 -21.04
N GLY B 167 2.25 -19.68 -21.62
CA GLY B 167 3.45 -20.27 -21.03
C GLY B 167 3.15 -21.37 -20.04
N LYS B 168 4.21 -21.97 -19.48
CA LYS B 168 4.06 -23.20 -18.68
C LYS B 168 3.40 -22.97 -17.32
N TYR B 169 3.74 -21.84 -16.69
CA TYR B 169 3.24 -21.48 -15.38
C TYR B 169 3.41 -19.98 -15.20
N ALA B 170 2.70 -19.40 -14.24
CA ALA B 170 2.74 -17.95 -14.05
C ALA B 170 4.17 -17.49 -13.75
N ASN B 171 4.58 -16.40 -14.39
CA ASN B 171 5.93 -15.86 -14.24
C ASN B 171 7.04 -16.76 -14.75
N SER B 172 6.67 -17.74 -15.59
CA SER B 172 7.69 -18.62 -16.17
C SER B 172 8.69 -17.85 -17.01
N GLU B 173 8.24 -16.78 -17.66
CA GLU B 173 9.13 -16.03 -18.54
C GLU B 173 9.97 -15.06 -17.72
N VAL B 174 11.29 -15.13 -17.90
CA VAL B 174 12.20 -14.27 -17.14
C VAL B 174 11.93 -12.78 -17.38
N GLU B 175 11.45 -12.43 -18.56
CA GLU B 175 11.13 -11.04 -18.88
C GLU B 175 10.01 -10.50 -17.98
N VAL B 176 9.12 -11.41 -17.57
CA VAL B 176 8.03 -11.08 -16.65
C VAL B 176 8.48 -11.16 -15.20
N LYS B 177 9.09 -12.29 -14.84
CA LYS B 177 9.59 -12.46 -13.48
C LYS B 177 10.53 -11.33 -13.05
N SER B 178 11.36 -10.83 -13.98
CA SER B 178 12.29 -9.74 -13.68
C SER B 178 11.53 -8.48 -13.22
N ILE B 179 10.39 -8.19 -13.85
CA ILE B 179 9.60 -7.02 -13.47
C ILE B 179 8.91 -7.29 -12.15
N VAL B 180 8.30 -8.48 -12.03
CA VAL B 180 7.64 -8.89 -10.79
C VAL B 180 8.60 -8.73 -9.59
N ASP B 181 9.78 -9.31 -9.71
CA ASP B 181 10.79 -9.21 -8.64
C ASP B 181 11.16 -7.77 -8.34
N PHE B 182 11.41 -6.98 -9.38
CA PHE B 182 11.80 -5.59 -9.20
C PHE B 182 10.73 -4.77 -8.48
N VAL B 183 9.49 -4.95 -8.92
CA VAL B 183 8.36 -4.22 -8.35
C VAL B 183 8.08 -4.65 -6.89
N LYS B 184 8.10 -5.96 -6.64
CA LYS B 184 7.93 -6.46 -5.28
C LYS B 184 9.06 -6.01 -4.35
N ASP B 185 10.30 -6.08 -4.83
CA ASP B 185 11.47 -5.65 -4.02
C ASP B 185 11.35 -4.19 -3.64
N HIS B 186 10.90 -3.37 -4.60
CA HIS B 186 10.81 -1.93 -4.43
C HIS B 186 9.72 -1.59 -3.41
N GLY B 187 8.55 -2.18 -3.58
CA GLY B 187 7.49 -2.11 -2.58
C GLY B 187 6.71 -0.83 -2.51
N ASN B 188 7.07 0.16 -3.35
CA ASN B 188 6.42 1.47 -3.26
C ASN B 188 5.99 2.04 -4.61
N PHE B 189 5.58 1.16 -5.52
CA PHE B 189 4.98 1.60 -6.77
C PHE B 189 3.53 2.03 -6.56
N LYS B 190 3.22 3.21 -7.10
CA LYS B 190 1.87 3.80 -7.01
C LYS B 190 1.13 3.74 -8.35
N ALA B 191 1.90 3.65 -9.44
CA ALA B 191 1.31 3.56 -10.79
C ALA B 191 2.07 2.53 -11.62
N PHE B 192 1.36 1.88 -12.52
CA PHE B 192 1.96 0.84 -13.35
C PHE B 192 1.29 0.94 -14.72
N LEU B 193 2.07 1.40 -15.71
CA LEU B 193 1.52 1.66 -17.04
C LEU B 193 2.20 0.75 -18.03
N SER B 194 1.39 0.00 -18.78
CA SER B 194 1.90 -0.94 -19.78
C SER B 194 1.55 -0.40 -21.15
N ILE B 195 2.56 -0.26 -21.99
CA ILE B 195 2.36 0.40 -23.27
C ILE B 195 2.43 -0.61 -24.40
N HIS B 196 1.35 -0.63 -25.18
CA HIS B 196 1.15 -1.60 -26.24
C HIS B 196 0.67 -0.89 -27.51
N SER B 197 0.59 -1.63 -28.61
CA SER B 197 -0.24 -1.20 -29.73
C SER B 197 -0.91 -2.45 -30.31
N TYR B 198 -1.95 -2.30 -31.13
CA TYR B 198 -2.57 -1.03 -31.50
C TYR B 198 -4.08 -1.16 -31.17
N SER B 199 -4.78 -0.03 -31.20
CA SER B 199 -6.26 0.04 -31.14
C SER B 199 -6.77 1.40 -30.63
N GLN B 200 -5.89 2.18 -30.01
CA GLN B 200 -6.25 3.48 -29.44
C GLN B 200 -7.24 3.27 -28.31
N LEU B 201 -6.73 2.58 -27.28
CA LEU B 201 -7.50 2.31 -26.07
C LEU B 201 -6.69 2.69 -24.85
N LEU B 202 -7.37 3.19 -23.83
CA LEU B 202 -6.75 3.34 -22.52
C LEU B 202 -7.56 2.50 -21.57
N LEU B 203 -6.91 1.49 -20.99
CA LEU B 203 -7.62 0.42 -20.29
C LEU B 203 -7.18 0.35 -18.86
N TYR B 204 -8.13 0.07 -17.96
CA TYR B 204 -7.80 -0.24 -16.57
C TYR B 204 -8.24 -1.69 -16.30
N PRO B 205 -7.89 -2.24 -15.14
CA PRO B 205 -8.21 -3.66 -14.95
C PRO B 205 -9.72 -3.90 -14.80
N TYR B 206 -10.22 -5.11 -14.99
CA TYR B 206 -9.41 -6.30 -15.28
C TYR B 206 -9.66 -6.82 -16.67
N GLY B 207 -8.70 -7.63 -17.13
CA GLY B 207 -8.89 -8.45 -18.31
C GLY B 207 -9.42 -9.84 -17.98
N TYR B 208 -8.99 -10.42 -16.86
CA TYR B 208 -9.24 -11.84 -16.61
C TYR B 208 -10.58 -12.12 -15.97
N THR B 209 -11.13 -11.09 -15.36
CA THR B 209 -12.39 -11.22 -14.62
C THR B 209 -13.32 -10.08 -14.95
N THR B 210 -14.62 -10.36 -14.91
CA THR B 210 -15.65 -9.33 -15.11
C THR B 210 -15.86 -8.46 -13.88
N GLN B 211 -15.21 -8.79 -12.77
CA GLN B 211 -15.31 -8.01 -11.55
C GLN B 211 -14.84 -6.58 -11.76
N SER B 212 -15.66 -5.62 -11.37
CA SER B 212 -15.21 -4.22 -11.38
C SER B 212 -14.20 -3.97 -10.26
N ILE B 213 -13.09 -3.34 -10.60
CA ILE B 213 -12.14 -2.94 -9.56
C ILE B 213 -12.79 -1.98 -8.55
N PRO B 214 -12.41 -2.09 -7.26
CA PRO B 214 -12.89 -1.18 -6.21
C PRO B 214 -12.66 0.30 -6.55
N ASP B 215 -11.63 0.59 -7.34
CA ASP B 215 -11.35 1.97 -7.75
C ASP B 215 -11.86 2.32 -9.14
N LYS B 216 -12.86 1.59 -9.62
CA LYS B 216 -13.34 1.78 -11.00
C LYS B 216 -13.74 3.22 -11.31
N THR B 217 -14.55 3.82 -10.44
CA THR B 217 -15.04 5.16 -10.69
C THR B 217 -13.88 6.12 -10.90
N GLU B 218 -12.90 6.07 -9.98
CA GLU B 218 -11.74 6.93 -10.05
C GLU B 218 -10.90 6.64 -11.30
N LEU B 219 -10.58 5.37 -11.56
CA LEU B 219 -9.72 5.09 -12.70
C LEU B 219 -10.44 5.43 -13.99
N ASN B 220 -11.75 5.23 -14.02
CA ASN B 220 -12.53 5.61 -15.20
C ASN B 220 -12.46 7.12 -15.46
N GLN B 221 -12.54 7.91 -14.40
CA GLN B 221 -12.39 9.37 -14.52
C GLN B 221 -10.98 9.76 -14.95
N VAL B 222 -9.98 9.09 -14.37
CA VAL B 222 -8.59 9.36 -14.74
C VAL B 222 -8.40 9.04 -16.23
N ALA B 223 -8.93 7.91 -16.67
CA ALA B 223 -8.78 7.52 -18.07
C ALA B 223 -9.48 8.50 -18.99
N LYS B 224 -10.67 8.94 -18.59
CA LYS B 224 -11.43 9.95 -19.36
C LYS B 224 -10.59 11.22 -19.54
N SER B 225 -9.99 11.67 -18.45
CA SER B 225 -9.21 12.90 -18.49
C SER B 225 -7.98 12.72 -19.35
N ALA B 226 -7.32 11.56 -19.22
CA ALA B 226 -6.12 11.25 -19.99
C ALA B 226 -6.43 11.19 -21.48
N VAL B 227 -7.55 10.58 -21.83
CA VAL B 227 -7.96 10.47 -23.24
C VAL B 227 -8.27 11.84 -23.84
N ALA B 228 -8.87 12.72 -23.03
CA ALA B 228 -9.16 14.09 -23.51
C ALA B 228 -7.87 14.86 -23.75
N ALA B 229 -6.93 14.76 -22.82
CA ALA B 229 -5.61 15.37 -22.97
C ALA B 229 -4.90 14.85 -24.22
N LEU B 230 -4.86 13.53 -24.39
CA LEU B 230 -4.26 12.93 -25.58
C LEU B 230 -4.90 13.47 -26.87
N LYS B 231 -6.23 13.48 -26.90
CA LYS B 231 -6.98 13.92 -28.07
C LYS B 231 -6.71 15.37 -28.43
N SER B 232 -6.37 16.17 -27.44
CA SER B 232 -6.27 17.62 -27.63
C SER B 232 -5.22 18.00 -28.66
N LEU B 233 -4.24 17.11 -28.90
CA LEU B 233 -3.12 17.48 -29.75
C LEU B 233 -3.41 17.30 -31.24
N TYR B 234 -3.77 16.09 -31.65
CA TYR B 234 -4.02 15.78 -33.05
C TYR B 234 -5.43 15.26 -33.30
N GLY B 235 -6.27 15.26 -32.27
CA GLY B 235 -7.62 14.74 -32.41
C GLY B 235 -7.73 13.22 -32.40
N THR B 236 -6.68 12.55 -31.95
CA THR B 236 -6.69 11.10 -31.91
C THR B 236 -7.67 10.63 -30.85
N SER B 237 -8.61 9.80 -31.28
CA SER B 237 -9.73 9.37 -30.47
C SER B 237 -9.44 8.01 -29.83
N TYR B 238 -9.41 7.97 -28.50
CA TYR B 238 -9.26 6.72 -27.76
C TYR B 238 -10.56 6.34 -27.09
N LYS B 239 -10.83 5.04 -27.03
CA LYS B 239 -11.86 4.50 -26.16
C LYS B 239 -11.21 4.12 -24.84
N TYR B 240 -12.01 4.03 -23.77
CA TYR B 240 -11.45 3.68 -22.48
C TYR B 240 -12.45 2.91 -21.64
N GLY B 241 -11.93 2.13 -20.71
CA GLY B 241 -12.76 1.27 -19.88
C GLY B 241 -11.93 0.11 -19.39
N SER B 242 -12.56 -0.86 -18.74
CA SER B 242 -11.82 -2.04 -18.31
C SER B 242 -11.37 -2.84 -19.52
N ILE B 243 -10.32 -3.63 -19.38
CA ILE B 243 -9.87 -4.46 -20.49
C ILE B 243 -11.01 -5.36 -21.00
N ILE B 244 -11.64 -6.09 -20.08
CA ILE B 244 -12.63 -7.10 -20.49
C ILE B 244 -13.84 -6.51 -21.22
N THR B 245 -14.28 -5.32 -20.79
CA THR B 245 -15.46 -4.72 -21.40
C THR B 245 -15.13 -3.99 -22.68
N THR B 246 -13.91 -3.46 -22.77
CA THR B 246 -13.55 -2.54 -23.84
C THR B 246 -12.96 -3.23 -25.05
N ILE B 247 -12.19 -4.28 -24.81
CA ILE B 247 -11.57 -4.98 -25.92
C ILE B 247 -11.92 -6.47 -25.92
N TYR B 248 -11.46 -7.21 -24.91
CA TYR B 248 -11.78 -8.63 -24.77
C TYR B 248 -11.28 -9.19 -23.43
N GLN B 249 -11.85 -10.32 -23.04
CA GLN B 249 -11.33 -11.09 -21.92
C GLN B 249 -9.89 -11.50 -22.23
N ALA B 250 -8.98 -11.27 -21.29
CA ALA B 250 -7.57 -11.55 -21.50
C ALA B 250 -6.99 -11.86 -20.13
N SER B 251 -6.31 -13.00 -20.02
CA SER B 251 -5.81 -13.45 -18.72
C SER B 251 -4.30 -13.37 -18.65
N GLY B 252 -3.77 -13.43 -17.42
CA GLY B 252 -2.32 -13.36 -17.20
C GLY B 252 -1.69 -12.03 -17.57
N GLY B 253 -2.43 -10.95 -17.40
CA GLY B 253 -1.99 -9.62 -17.87
C GLY B 253 -1.32 -8.74 -16.83
N SER B 254 -0.48 -7.83 -17.30
CA SER B 254 0.43 -7.08 -16.43
C SER B 254 -0.30 -6.16 -15.45
N ILE B 255 -1.30 -5.41 -15.93
CA ILE B 255 -1.96 -4.46 -15.03
C ILE B 255 -2.97 -5.11 -14.10
N ASP B 256 -3.43 -6.30 -14.48
CA ASP B 256 -4.26 -7.09 -13.59
C ASP B 256 -3.39 -7.54 -12.43
N TRP B 257 -2.16 -7.97 -12.74
CA TRP B 257 -1.21 -8.36 -11.70
C TRP B 257 -0.85 -7.15 -10.84
N SER B 258 -0.52 -6.02 -11.47
CA SER B 258 -0.07 -4.86 -10.71
C SER B 258 -1.16 -4.35 -9.78
N TYR B 259 -2.39 -4.24 -10.30
CA TYR B 259 -3.49 -3.77 -9.47
C TYR B 259 -3.70 -4.72 -8.27
N ASN B 260 -3.59 -6.01 -8.51
CA ASN B 260 -3.74 -6.97 -7.43
C ASN B 260 -2.63 -6.96 -6.40
N GLN B 261 -1.52 -6.30 -6.74
CA GLN B 261 -0.46 -6.04 -5.76
C GLN B 261 -0.76 -4.78 -4.95
N GLY B 262 -1.85 -4.10 -5.28
CA GLY B 262 -2.19 -2.85 -4.59
C GLY B 262 -1.69 -1.60 -5.27
N ILE B 263 -1.20 -1.74 -6.50
CA ILE B 263 -0.77 -0.58 -7.28
C ILE B 263 -1.99 0.00 -7.99
N LYS B 264 -2.52 1.08 -7.44
CA LYS B 264 -3.86 1.53 -7.81
C LYS B 264 -3.96 2.05 -9.24
N TYR B 265 -3.00 2.88 -9.65
CA TYR B 265 -3.06 3.53 -10.95
C TYR B 265 -2.41 2.66 -12.00
N SER B 266 -3.13 1.58 -12.33
CA SER B 266 -2.66 0.58 -13.29
C SER B 266 -3.45 0.69 -14.56
N PHE B 267 -2.76 1.00 -15.66
CA PHE B 267 -3.40 1.25 -16.95
C PHE B 267 -2.58 0.66 -18.07
N THR B 268 -3.27 0.21 -19.10
CA THR B 268 -2.62 -0.23 -20.34
C THR B 268 -3.04 0.69 -21.45
N PHE B 269 -2.05 1.22 -22.17
CA PHE B 269 -2.33 1.97 -23.40
C PHE B 269 -2.15 1.05 -24.60
N GLU B 270 -3.11 1.09 -25.52
CA GLU B 270 -2.95 0.52 -26.85
C GLU B 270 -2.89 1.70 -27.80
N LEU B 271 -1.70 1.92 -28.36
CA LEU B 271 -1.46 3.14 -29.12
C LEU B 271 -2.04 3.05 -30.54
N ARG B 272 -1.69 4.04 -31.37
CA ARG B 272 -2.13 4.09 -32.77
C ARG B 272 -1.74 2.82 -33.53
N ASP B 273 -2.50 2.44 -34.56
CA ASP B 273 -3.72 3.14 -34.98
C ASP B 273 -4.94 2.27 -34.65
N THR B 274 -5.97 2.31 -35.49
CA THR B 274 -7.15 1.48 -35.28
C THR B 274 -7.20 0.32 -36.26
N GLY B 275 -6.17 0.18 -37.09
CA GLY B 275 -6.08 -0.97 -38.00
C GLY B 275 -5.63 -0.65 -39.41
N ARG B 276 -5.56 0.63 -39.75
CA ARG B 276 -5.16 0.99 -41.10
C ARG B 276 -3.77 0.42 -41.38
N TYR B 277 -2.84 0.65 -40.45
CA TYR B 277 -1.50 0.06 -40.55
C TYR B 277 -1.23 -0.98 -39.46
N GLY B 278 -1.99 -0.91 -38.37
CA GLY B 278 -1.85 -1.90 -37.29
C GLY B 278 -0.47 -1.83 -36.66
N PHE B 279 0.22 -2.97 -36.63
CA PHE B 279 1.56 -3.04 -36.03
C PHE B 279 2.62 -2.32 -36.85
N LEU B 280 2.32 -2.13 -38.14
CA LEU B 280 3.31 -1.55 -39.04
C LEU B 280 3.10 -0.04 -39.20
N LEU B 281 2.97 0.63 -38.06
CA LEU B 281 2.70 2.06 -38.05
C LEU B 281 3.89 2.79 -38.71
N PRO B 282 3.61 3.66 -39.68
CA PRO B 282 4.66 4.41 -40.34
C PRO B 282 5.51 5.25 -39.37
N ALA B 283 6.81 5.34 -39.67
CA ALA B 283 7.73 6.13 -38.86
C ALA B 283 7.31 7.59 -38.71
N SER B 284 6.64 8.14 -39.72
CA SER B 284 6.19 9.53 -39.69
C SER B 284 5.15 9.77 -38.60
N GLN B 285 4.61 8.68 -38.07
CA GLN B 285 3.67 8.77 -36.95
C GLN B 285 4.31 8.62 -35.57
N ILE B 286 5.63 8.37 -35.50
CA ILE B 286 6.29 8.15 -34.21
C ILE B 286 6.16 9.38 -33.32
N ILE B 287 6.63 10.52 -33.81
CA ILE B 287 6.66 11.71 -32.96
C ILE B 287 5.25 12.15 -32.54
N PRO B 288 4.30 12.28 -33.50
CA PRO B 288 2.94 12.65 -33.10
C PRO B 288 2.33 11.66 -32.10
N THR B 289 2.55 10.36 -32.31
CA THR B 289 2.07 9.36 -31.34
C THR B 289 2.71 9.55 -29.96
N ALA B 290 4.02 9.71 -29.94
CA ALA B 290 4.73 9.91 -28.67
C ALA B 290 4.21 11.16 -27.97
N GLN B 291 4.07 12.25 -28.73
CA GLN B 291 3.64 13.51 -28.12
C GLN B 291 2.28 13.38 -27.44
N GLU B 292 1.30 12.85 -28.18
CA GLU B 292 -0.06 12.81 -27.63
C GLU B 292 -0.13 11.80 -26.49
N THR B 293 0.61 10.71 -26.62
CA THR B 293 0.61 9.68 -25.58
C THR B 293 1.22 10.24 -24.31
N TRP B 294 2.27 11.06 -24.47
CA TRP B 294 2.87 11.72 -23.33
C TRP B 294 1.84 12.55 -22.56
N LEU B 295 1.01 13.32 -23.28
CA LEU B 295 -0.05 14.08 -22.61
C LEU B 295 -0.98 13.17 -21.79
N GLY B 296 -1.32 12.00 -22.34
CA GLY B 296 -2.17 11.05 -21.59
C GLY B 296 -1.46 10.51 -20.36
N VAL B 297 -0.21 10.11 -20.54
CA VAL B 297 0.60 9.58 -19.42
C VAL B 297 0.84 10.60 -18.32
N LEU B 298 1.23 11.80 -18.72
CA LEU B 298 1.39 12.91 -17.77
C LEU B 298 0.10 13.14 -16.97
N THR B 299 -1.04 13.11 -17.66
CA THR B 299 -2.34 13.25 -17.00
C THR B 299 -2.50 12.19 -15.90
N ILE B 300 -2.17 10.94 -16.22
CA ILE B 300 -2.26 9.88 -15.21
C ILE B 300 -1.30 10.15 -14.04
N MET B 301 -0.06 10.54 -14.35
CA MET B 301 0.93 10.82 -13.32
C MET B 301 0.50 11.92 -12.37
N GLU B 302 -0.14 12.95 -12.91
CA GLU B 302 -0.68 14.05 -12.12
C GLU B 302 -1.70 13.55 -11.09
N HIS B 303 -2.57 12.62 -11.51
CA HIS B 303 -3.58 12.05 -10.62
C HIS B 303 -2.98 11.11 -9.58
N THR B 304 -1.76 10.64 -9.85
CA THR B 304 -1.03 9.77 -8.93
C THR B 304 -0.38 10.59 -7.80
N VAL B 305 0.22 11.73 -8.16
CA VAL B 305 0.89 12.62 -7.20
C VAL B 305 -0.14 13.20 -6.24
ZN ZN C . -9.14 -4.74 15.90
C1 MRD D . -15.29 -3.97 18.34
C2 MRD D . -14.12 -4.52 19.16
O2 MRD D . -12.92 -3.78 18.79
CM MRD D . -14.36 -4.28 20.65
C3 MRD D . -13.95 -6.00 18.81
C4 MRD D . -12.74 -6.68 19.41
O4 MRD D . -11.55 -6.04 18.99
C5 MRD D . -12.71 -8.16 19.02
C1 MPD E . -13.58 -5.09 12.05
C2 MPD E . -14.81 -5.37 12.90
O2 MPD E . -14.75 -6.75 13.37
CM MPD E . -14.82 -4.46 14.12
C3 MPD E . -16.11 -5.17 12.11
C4 MPD E . -16.15 -5.86 10.76
O4 MPD E . -15.92 -7.24 10.90
C5 MPD E . -17.51 -5.63 10.09
C1 MRD F . -12.82 -11.41 12.49
C2 MRD F . -13.69 -10.29 11.92
O2 MRD F . -14.62 -9.88 12.95
CM MRD F . -12.78 -9.11 11.56
C3 MRD F . -14.46 -10.71 10.66
C4 MRD F . -15.46 -11.86 10.75
O4 MRD F . -16.20 -11.91 9.55
C5 MRD F . -16.48 -11.73 11.87
ZN ZN G . 0.63 -5.63 -27.02
C1 MPD H . 26.60 -12.78 -28.21
C2 MPD H . 25.80 -12.43 -29.47
O2 MPD H . 25.95 -11.00 -29.70
CM MPD H . 26.39 -13.15 -30.68
C3 MPD H . 24.31 -12.78 -29.34
C4 MPD H . 23.72 -12.32 -28.01
O4 MPD H . 23.79 -10.90 -27.97
C5 MPD H . 22.28 -12.79 -27.84
C1 MRD I . -5.48 -5.20 -24.70
C2 MRD I . -4.33 -5.80 -23.88
O2 MRD I . -3.11 -5.03 -24.12
CM MRD I . -4.63 -5.68 -22.39
C3 MRD I . -4.12 -7.25 -24.31
C4 MRD I . -2.90 -7.93 -23.72
O4 MRD I . -1.73 -7.24 -24.11
C5 MRD I . -2.81 -9.39 -24.15
#